data_2C58
#
_entry.id   2C58
#
_cell.length_a   113.350
_cell.length_b   113.350
_cell.length_c   138.030
_cell.angle_alpha   90.00
_cell.angle_beta   90.00
_cell.angle_gamma   120.00
#
_symmetry.space_group_name_H-M   'P 31 2 1'
#
loop_
_entity.id
_entity.type
_entity.pdbx_description
1 polymer ACETYLCHOLINESTERASE
2 non-polymer '2-(TRIMETHYLAMMONIUM)ETHYL THIOL'
3 non-polymer ACETYLTHIOCHOLINE
4 non-polymer 2-acetamido-2-deoxy-beta-D-glucopyranose
5 non-polymer 'TRIETHYLENE GLYCOL'
6 non-polymer 'CHLORIDE ION'
7 water water
#
_entity_poly.entity_id   1
_entity_poly.type   'polypeptide(L)'
_entity_poly.pdbx_seq_one_letter_code
;DDHSELLVNTKSGKVMGTRVPVLSSHISAFLGIPFAEPPVGNMRFRRPEPKKPWSGVWNASTYPNNCQQYVDEQFPGFSG
SEMWNPNREMSEDCLYLNIWVPSPRPKSTTVMVWIYGGGFYSGSSTLDVYNGKYLAYTEEVVLVSLSYRVGAFGFLALHG
SQEAPGNVGLLDQRMALQWVHDNIQFFGGDPKTVTIFGE(OAS)AGGASVGMHILSPGSRDLFRRAILQSGSPNCPWASV
SVAEGRRRAVELGRNLNCNLNSDEELIHCLREKKPQELIDVEWNVLPFDSIFRFSFVPVIDGEFFPTSLESMLNSGNFKK
TQILLGVNKDEGSFFLLYGAPGFSKDSESKISREDFMSGVKLSVPHANDLGLDAVTLQYTDWMDDNNGIKNRDGLDDIVG
DHNVICPLMHFVNKYTKFGNGTYLYFFNHRASNLVWPEWMGVIHGYEIEFVFGLPLVKELNYTAEEEALSRRIMHYWATF
AKTGNPNEPHSQESKWPLFTTKEQKFIDLNTEPMKVHQRLRVQMCVFWNQFLPKLLNATAC
;
_entity_poly.pdbx_strand_id   A
#
loop_
_chem_comp.id
_chem_comp.type
_chem_comp.name
_chem_comp.formula
AT3 non-polymer ACETYLTHIOCHOLINE 'C7 H16 N O S 1'
CL non-polymer 'CHLORIDE ION' 'Cl -1'
ETM non-polymer '2-(TRIMETHYLAMMONIUM)ETHYL THIOL' 'C5 H14 N S 1'
NAG D-saccharide, beta linking 2-acetamido-2-deoxy-beta-D-glucopyranose 'C8 H15 N O6'
PGE non-polymer 'TRIETHYLENE GLYCOL' 'C6 H14 O4'
#
# COMPACT_ATOMS: atom_id res chain seq x y z
N SER A 4 -35.86 -5.15 -4.46
CA SER A 4 -34.87 -4.69 -5.48
C SER A 4 -33.46 -5.17 -5.17
N GLU A 5 -32.79 -5.72 -6.18
CA GLU A 5 -31.44 -6.22 -6.02
C GLU A 5 -30.46 -5.11 -5.66
N LEU A 6 -30.79 -3.89 -6.06
CA LEU A 6 -29.94 -2.73 -5.78
C LEU A 6 -30.27 -2.07 -4.46
N LEU A 7 -31.19 -2.68 -3.70
CA LEU A 7 -31.57 -2.11 -2.42
C LEU A 7 -31.13 -3.04 -1.29
N VAL A 8 -30.30 -2.53 -0.40
CA VAL A 8 -29.81 -3.30 0.73
C VAL A 8 -30.04 -2.55 2.02
N ASN A 9 -30.49 -3.28 3.03
CA ASN A 9 -30.73 -2.66 4.33
C ASN A 9 -29.64 -3.10 5.29
N THR A 10 -28.85 -2.13 5.75
CA THR A 10 -27.75 -2.40 6.68
C THR A 10 -28.10 -1.88 8.07
N LYS A 11 -27.27 -2.22 9.04
CA LYS A 11 -27.47 -1.79 10.41
C LYS A 11 -27.33 -0.28 10.53
N SER A 12 -26.75 0.35 9.50
CA SER A 12 -26.55 1.80 9.50
C SER A 12 -27.68 2.50 8.75
N GLY A 13 -28.44 1.71 8.00
CA GLY A 13 -29.54 2.26 7.23
C GLY A 13 -29.61 1.62 5.86
N LYS A 14 -30.61 1.99 5.07
CA LYS A 14 -30.76 1.43 3.73
C LYS A 14 -29.88 2.17 2.74
N VAL A 15 -29.41 1.45 1.73
CA VAL A 15 -28.58 2.05 0.69
C VAL A 15 -29.09 1.55 -0.65
N MET A 16 -29.00 2.43 -1.65
CA MET A 16 -29.45 2.09 -3.00
C MET A 16 -28.25 2.09 -3.95
N GLY A 17 -27.98 0.93 -4.54
CA GLY A 17 -26.87 0.82 -5.45
C GLY A 17 -27.22 1.19 -6.88
N THR A 18 -26.36 0.76 -7.80
CA THR A 18 -26.55 1.03 -9.21
C THR A 18 -26.07 -0.18 -10.01
N ARG A 19 -26.72 -0.44 -11.13
N ARG A 19 -26.72 -0.45 -11.13
CA ARG A 19 -26.33 -1.57 -11.97
CA ARG A 19 -26.32 -1.59 -11.96
C ARG A 19 -25.23 -1.11 -12.91
C ARG A 19 -25.24 -1.13 -12.93
N VAL A 20 -24.13 -1.84 -12.94
CA VAL A 20 -23.02 -1.47 -13.82
C VAL A 20 -22.65 -2.59 -14.78
N PRO A 21 -22.36 -2.21 -16.03
CA PRO A 21 -21.98 -3.15 -17.08
C PRO A 21 -20.52 -3.56 -16.92
N VAL A 22 -20.21 -4.79 -17.29
CA VAL A 22 -18.85 -5.28 -17.18
C VAL A 22 -18.67 -6.52 -18.07
N LEU A 23 -17.78 -6.40 -19.05
CA LEU A 23 -17.51 -7.51 -19.97
C LEU A 23 -18.78 -8.12 -20.53
N SER A 24 -19.56 -7.31 -21.23
CA SER A 24 -20.81 -7.76 -21.85
C SER A 24 -21.75 -8.43 -20.86
N SER A 25 -21.86 -7.86 -19.67
CA SER A 25 -22.74 -8.38 -18.63
C SER A 25 -22.94 -7.28 -17.61
N HIS A 26 -23.54 -7.59 -16.47
CA HIS A 26 -23.78 -6.57 -15.44
C HIS A 26 -23.64 -7.10 -14.02
N ILE A 27 -23.43 -6.17 -13.08
CA ILE A 27 -23.33 -6.49 -11.66
C ILE A 27 -23.77 -5.26 -10.88
N SER A 28 -23.91 -5.43 -9.56
CA SER A 28 -24.33 -4.33 -8.71
C SER A 28 -23.12 -3.60 -8.13
N ALA A 29 -23.30 -2.31 -7.87
CA ALA A 29 -22.25 -1.50 -7.29
C ALA A 29 -22.86 -0.56 -6.27
N PHE A 30 -22.27 -0.52 -5.09
CA PHE A 30 -22.74 0.37 -4.04
C PHE A 30 -21.54 1.24 -3.74
N LEU A 31 -21.53 2.42 -4.36
CA LEU A 31 -20.42 3.35 -4.24
C LEU A 31 -20.66 4.46 -3.24
N GLY A 32 -19.62 4.77 -2.47
CA GLY A 32 -19.69 5.84 -1.49
C GLY A 32 -20.48 5.63 -0.20
N ILE A 33 -20.50 4.41 0.33
CA ILE A 33 -21.22 4.17 1.58
C ILE A 33 -20.39 4.70 2.75
N PRO A 34 -20.97 5.56 3.59
CA PRO A 34 -20.23 6.10 4.74
C PRO A 34 -20.06 5.09 5.88
N PHE A 35 -18.88 5.09 6.51
CA PHE A 35 -18.62 4.16 7.62
C PHE A 35 -18.15 4.90 8.87
N ALA A 36 -18.03 6.21 8.76
CA ALA A 36 -17.59 7.01 9.91
C ALA A 36 -18.12 8.43 9.78
N GLU A 37 -18.18 9.14 10.90
CA GLU A 37 -18.62 10.53 10.88
C GLU A 37 -17.52 11.35 10.22
N PRO A 38 -17.90 12.39 9.46
CA PRO A 38 -16.90 13.22 8.80
C PRO A 38 -15.89 13.77 9.81
N PRO A 39 -14.59 13.45 9.62
CA PRO A 39 -13.54 13.92 10.52
C PRO A 39 -13.17 15.38 10.27
N VAL A 40 -14.17 16.25 10.30
CA VAL A 40 -13.94 17.67 10.05
C VAL A 40 -14.03 18.52 11.30
N GLY A 41 -13.62 19.78 11.16
CA GLY A 41 -13.67 20.71 12.27
C GLY A 41 -12.75 20.31 13.41
N ASN A 42 -13.32 20.13 14.60
N ASN A 42 -13.32 20.13 14.60
CA ASN A 42 -12.53 19.75 15.76
CA ASN A 42 -12.56 19.76 15.78
C ASN A 42 -12.25 18.25 15.81
C ASN A 42 -12.23 18.27 15.81
N MET A 43 -12.77 17.52 14.82
N MET A 43 -12.78 17.52 14.87
CA MET A 43 -12.54 16.08 14.76
CA MET A 43 -12.52 16.08 14.81
C MET A 43 -11.29 15.77 13.94
C MET A 43 -11.25 15.78 13.99
N ARG A 44 -10.69 16.81 13.37
CA ARG A 44 -9.47 16.66 12.57
C ARG A 44 -8.34 16.18 13.46
N PHE A 45 -7.65 15.12 13.03
CA PHE A 45 -6.53 14.51 13.74
C PHE A 45 -7.02 13.54 14.81
N ARG A 46 -8.33 13.55 15.08
CA ARG A 46 -8.89 12.67 16.10
C ARG A 46 -9.23 11.30 15.57
N ARG A 47 -9.38 10.34 16.48
CA ARG A 47 -9.76 8.98 16.10
C ARG A 47 -11.09 9.09 15.38
N PRO A 48 -11.41 8.11 14.54
CA PRO A 48 -12.69 8.18 13.83
C PRO A 48 -13.87 7.71 14.68
N GLU A 49 -15.02 8.34 14.48
N GLU A 49 -15.01 8.34 14.47
CA GLU A 49 -16.22 7.96 15.22
CA GLU A 49 -16.23 7.98 15.19
C GLU A 49 -17.13 7.25 14.23
C GLU A 49 -17.14 7.25 14.21
N PRO A 50 -17.82 6.19 14.67
CA PRO A 50 -18.72 5.45 13.79
C PRO A 50 -19.83 6.33 13.22
N LYS A 51 -20.22 6.06 11.98
CA LYS A 51 -21.27 6.84 11.32
C LYS A 51 -22.63 6.63 11.97
N LYS A 52 -23.29 7.72 12.35
CA LYS A 52 -24.60 7.61 12.97
C LYS A 52 -25.60 7.08 11.94
N PRO A 53 -26.34 6.02 12.30
CA PRO A 53 -27.31 5.45 11.36
C PRO A 53 -28.26 6.52 10.81
N TRP A 54 -28.68 6.35 9.57
CA TRP A 54 -29.53 7.34 8.92
C TRP A 54 -30.92 6.81 8.54
N SER A 55 -31.86 7.74 8.43
N SER A 55 -31.86 7.74 8.43
CA SER A 55 -33.23 7.41 8.05
CA SER A 55 -33.22 7.40 8.04
C SER A 55 -33.35 7.58 6.54
C SER A 55 -33.35 7.58 6.53
N GLY A 56 -34.17 6.75 5.90
CA GLY A 56 -34.35 6.85 4.47
C GLY A 56 -33.37 5.99 3.70
N VAL A 57 -33.13 6.34 2.44
CA VAL A 57 -32.23 5.57 1.60
C VAL A 57 -31.02 6.38 1.18
N TRP A 58 -29.84 5.81 1.38
CA TRP A 58 -28.61 6.47 1.00
C TRP A 58 -28.34 6.14 -0.46
N ASN A 59 -28.07 7.18 -1.26
CA ASN A 59 -27.80 7.00 -2.67
C ASN A 59 -26.33 6.61 -2.85
N ALA A 60 -26.11 5.35 -3.18
CA ALA A 60 -24.76 4.82 -3.39
C ALA A 60 -24.57 4.53 -4.86
N SER A 61 -24.86 5.52 -5.70
CA SER A 61 -24.75 5.35 -7.14
C SER A 61 -23.48 5.95 -7.72
N THR A 62 -22.80 6.80 -6.97
CA THR A 62 -21.58 7.42 -7.47
C THR A 62 -20.44 7.43 -6.46
N TYR A 63 -19.22 7.55 -6.96
CA TYR A 63 -18.03 7.57 -6.11
C TYR A 63 -18.05 8.75 -5.16
N PRO A 64 -17.38 8.64 -4.01
CA PRO A 64 -17.32 9.71 -3.01
C PRO A 64 -16.12 10.63 -3.24
N ASN A 65 -15.98 11.64 -2.40
CA ASN A 65 -14.85 12.56 -2.48
C ASN A 65 -13.61 11.78 -2.09
N ASN A 66 -12.45 12.32 -2.43
CA ASN A 66 -11.18 11.71 -2.07
C ASN A 66 -10.65 12.52 -0.89
N CYS A 67 -9.78 11.94 -0.09
CA CYS A 67 -9.24 12.65 1.07
C CYS A 67 -8.24 13.72 0.61
N GLN A 68 -8.07 14.76 1.43
CA GLN A 68 -7.14 15.83 1.11
C GLN A 68 -5.73 15.27 1.04
N GLN A 69 -5.04 15.55 -0.06
CA GLN A 69 -3.70 15.03 -0.27
C GLN A 69 -2.87 15.82 -1.27
N TYR A 70 -1.55 15.66 -1.17
CA TYR A 70 -0.61 16.28 -2.09
C TYR A 70 -0.96 15.68 -3.45
N VAL A 71 -0.84 16.47 -4.51
CA VAL A 71 -1.14 15.99 -5.85
C VAL A 71 0.09 16.08 -6.74
N ASP A 72 0.40 14.98 -7.41
CA ASP A 72 1.55 14.92 -8.30
C ASP A 72 1.30 15.73 -9.57
N GLU A 73 2.14 16.76 -9.76
N GLU A 73 2.09 16.80 -9.74
CA GLU A 73 2.07 17.64 -10.93
CA GLU A 73 1.96 17.66 -10.91
C GLU A 73 3.43 17.66 -11.60
C GLU A 73 3.31 17.75 -11.62
N GLN A 74 4.23 16.62 -11.32
N GLN A 74 4.17 16.79 -11.34
CA GLN A 74 5.57 16.48 -11.87
CA GLN A 74 5.50 16.76 -11.94
C GLN A 74 5.56 16.39 -13.40
C GLN A 74 5.42 16.63 -13.46
N PHE A 75 4.48 15.85 -13.96
CA PHE A 75 4.33 15.67 -15.40
C PHE A 75 2.91 15.96 -15.86
N PRO A 76 2.51 17.25 -15.85
CA PRO A 76 1.16 17.65 -16.27
C PRO A 76 0.67 16.99 -17.56
N GLY A 77 -0.50 16.36 -17.48
CA GLY A 77 -1.06 15.70 -18.64
C GLY A 77 -0.56 14.30 -18.93
N PHE A 78 0.46 13.87 -18.21
CA PHE A 78 1.02 12.54 -18.42
C PHE A 78 0.15 11.52 -17.69
N SER A 79 -0.35 10.54 -18.42
CA SER A 79 -1.21 9.52 -17.83
C SER A 79 -0.48 8.66 -16.79
N GLY A 80 0.80 8.39 -17.05
CA GLY A 80 1.58 7.57 -16.15
C GLY A 80 1.59 8.05 -14.71
N SER A 81 1.55 9.36 -14.53
CA SER A 81 1.56 9.91 -13.19
C SER A 81 0.17 10.32 -12.71
N GLU A 82 -0.63 10.89 -13.61
CA GLU A 82 -1.96 11.35 -13.25
C GLU A 82 -2.98 10.25 -12.98
N MET A 83 -2.70 9.02 -13.44
CA MET A 83 -3.62 7.91 -13.18
C MET A 83 -3.65 7.57 -11.68
N TRP A 84 -2.72 8.13 -10.92
CA TRP A 84 -2.65 7.87 -9.48
C TRP A 84 -3.21 9.04 -8.67
N ASN A 85 -3.40 10.18 -9.33
CA ASN A 85 -3.94 11.37 -8.65
C ASN A 85 -5.43 11.24 -8.36
N PRO A 86 -5.94 12.06 -7.44
CA PRO A 86 -7.36 12.03 -7.09
C PRO A 86 -8.20 12.31 -8.34
N ASN A 87 -9.21 11.49 -8.60
CA ASN A 87 -10.04 11.71 -9.79
C ASN A 87 -11.41 12.26 -9.39
N ARG A 88 -11.55 12.63 -8.13
N ARG A 88 -11.55 12.62 -8.14
CA ARG A 88 -12.79 13.19 -7.61
CA ARG A 88 -12.79 13.17 -7.61
C ARG A 88 -12.41 14.46 -6.89
C ARG A 88 -12.38 14.33 -6.70
N GLU A 89 -13.39 15.11 -6.26
N GLU A 89 -13.31 15.23 -6.45
CA GLU A 89 -13.13 16.33 -5.52
CA GLU A 89 -13.00 16.36 -5.57
C GLU A 89 -12.51 15.92 -4.18
C GLU A 89 -12.43 15.89 -4.25
N MET A 90 -11.55 16.70 -3.68
CA MET A 90 -10.92 16.38 -2.41
C MET A 90 -11.69 17.05 -1.28
N SER A 91 -11.75 16.39 -0.13
CA SER A 91 -12.46 16.90 1.02
C SER A 91 -12.04 16.11 2.25
N GLU A 92 -12.13 16.73 3.42
CA GLU A 92 -11.78 16.01 4.63
C GLU A 92 -12.92 15.04 4.92
N ASP A 93 -14.07 15.28 4.29
CA ASP A 93 -15.23 14.41 4.43
C ASP A 93 -14.97 13.37 3.34
N CYS A 94 -14.20 12.34 3.68
CA CYS A 94 -13.82 11.34 2.67
C CYS A 94 -13.87 9.89 3.15
N LEU A 95 -14.40 9.66 4.34
CA LEU A 95 -14.46 8.32 4.91
C LEU A 95 -15.64 7.48 4.42
N TYR A 96 -15.48 6.90 3.24
CA TYR A 96 -16.52 6.07 2.62
C TYR A 96 -15.92 4.80 2.03
N LEU A 97 -16.76 3.82 1.74
CA LEU A 97 -16.31 2.57 1.15
C LEU A 97 -17.17 2.21 -0.08
N ASN A 98 -16.65 1.33 -0.94
CA ASN A 98 -17.36 0.92 -2.14
C ASN A 98 -17.47 -0.58 -2.19
N ILE A 99 -18.60 -1.07 -2.73
CA ILE A 99 -18.81 -2.51 -2.81
C ILE A 99 -19.31 -2.94 -4.18
N TRP A 100 -18.68 -3.98 -4.73
CA TRP A 100 -19.08 -4.54 -6.02
C TRP A 100 -19.65 -5.91 -5.70
N VAL A 101 -20.92 -6.10 -6.01
CA VAL A 101 -21.62 -7.35 -5.73
C VAL A 101 -22.10 -8.04 -7.00
N PRO A 102 -21.79 -9.35 -7.12
CA PRO A 102 -22.20 -10.14 -8.29
C PRO A 102 -23.72 -10.15 -8.44
N SER A 103 -24.20 -10.40 -9.67
CA SER A 103 -25.63 -10.47 -9.93
C SER A 103 -25.97 -11.80 -10.60
N PRO A 104 -26.94 -12.54 -10.03
CA PRO A 104 -27.71 -12.19 -8.83
C PRO A 104 -26.89 -12.15 -7.55
N ARG A 105 -27.38 -11.39 -6.57
CA ARG A 105 -26.71 -11.24 -5.28
C ARG A 105 -26.43 -12.59 -4.64
N PRO A 106 -25.21 -12.78 -4.13
CA PRO A 106 -24.83 -14.05 -3.51
C PRO A 106 -25.50 -14.18 -2.14
N LYS A 107 -25.30 -15.32 -1.49
CA LYS A 107 -25.88 -15.53 -0.17
C LYS A 107 -24.79 -15.48 0.90
N SER A 108 -23.62 -16.01 0.57
CA SER A 108 -22.51 -16.03 1.51
C SER A 108 -21.20 -16.36 0.80
N THR A 109 -20.72 -15.46 -0.03
CA THR A 109 -19.49 -15.69 -0.78
C THR A 109 -18.25 -14.99 -0.21
N THR A 110 -17.09 -15.34 -0.76
CA THR A 110 -15.81 -14.77 -0.34
C THR A 110 -15.74 -13.25 -0.49
N VAL A 111 -15.19 -12.59 0.52
CA VAL A 111 -15.05 -11.14 0.50
C VAL A 111 -13.58 -10.70 0.44
N MET A 112 -13.31 -9.67 -0.35
CA MET A 112 -11.96 -9.13 -0.47
C MET A 112 -12.02 -7.63 -0.27
N VAL A 113 -11.24 -7.13 0.68
CA VAL A 113 -11.21 -5.69 0.97
C VAL A 113 -9.86 -5.12 0.55
N TRP A 114 -9.91 -4.13 -0.35
CA TRP A 114 -8.72 -3.48 -0.88
C TRP A 114 -8.36 -2.23 -0.11
N ILE A 115 -7.07 -2.11 0.22
CA ILE A 115 -6.55 -0.96 0.94
C ILE A 115 -5.51 -0.29 0.02
N TYR A 116 -5.83 0.89 -0.50
CA TYR A 116 -4.91 1.57 -1.40
C TYR A 116 -3.59 1.99 -0.79
N GLY A 117 -2.58 2.12 -1.65
CA GLY A 117 -1.26 2.55 -1.23
C GLY A 117 -1.03 4.01 -1.58
N GLY A 118 0.22 4.44 -1.52
CA GLY A 118 0.54 5.83 -1.81
C GLY A 118 1.39 6.46 -0.73
N GLY A 119 2.26 5.67 -0.11
CA GLY A 119 3.16 6.14 0.92
C GLY A 119 2.53 6.84 2.11
N PHE A 120 1.25 6.56 2.38
CA PHE A 120 0.53 7.18 3.49
C PHE A 120 0.33 8.68 3.31
N TYR A 121 0.80 9.23 2.19
CA TYR A 121 0.63 10.66 1.94
C TYR A 121 -0.35 10.94 0.79
N SER A 122 -0.77 9.87 0.11
CA SER A 122 -1.71 10.02 -1.00
C SER A 122 -2.50 8.74 -1.18
N GLY A 123 -3.44 8.75 -2.13
CA GLY A 123 -4.23 7.55 -2.38
C GLY A 123 -5.72 7.82 -2.50
N SER A 124 -6.39 7.03 -3.33
CA SER A 124 -7.82 7.15 -3.56
C SER A 124 -8.38 5.78 -3.86
N SER A 125 -9.60 5.52 -3.41
CA SER A 125 -10.24 4.24 -3.64
C SER A 125 -10.98 4.26 -4.98
N THR A 126 -11.10 5.44 -5.55
CA THR A 126 -11.84 5.63 -6.80
C THR A 126 -11.06 5.63 -8.11
N LEU A 127 -9.77 5.31 -8.04
CA LEU A 127 -8.95 5.30 -9.25
C LEU A 127 -9.45 4.26 -10.25
N ASP A 128 -9.30 4.56 -11.54
CA ASP A 128 -9.75 3.62 -12.56
C ASP A 128 -9.05 2.28 -12.38
N VAL A 129 -7.79 2.30 -11.98
CA VAL A 129 -7.03 1.08 -11.81
C VAL A 129 -7.50 0.24 -10.61
N TYR A 130 -8.37 0.82 -9.77
CA TYR A 130 -8.89 0.09 -8.60
C TYR A 130 -10.35 -0.32 -8.77
N ASN A 131 -10.93 -0.13 -9.96
CA ASN A 131 -12.33 -0.49 -10.22
C ASN A 131 -12.45 -1.99 -10.00
N GLY A 132 -13.20 -2.39 -8.99
CA GLY A 132 -13.33 -3.81 -8.70
C GLY A 132 -14.37 -4.64 -9.43
N LYS A 133 -15.10 -4.04 -10.36
CA LYS A 133 -16.14 -4.76 -11.09
C LYS A 133 -15.63 -5.97 -11.87
N TYR A 134 -14.43 -5.86 -12.44
CA TYR A 134 -13.88 -6.96 -13.21
C TYR A 134 -13.56 -8.16 -12.33
N LEU A 135 -12.92 -7.92 -11.20
CA LEU A 135 -12.54 -8.97 -10.27
C LEU A 135 -13.79 -9.58 -9.60
N ALA A 136 -14.71 -8.73 -9.19
CA ALA A 136 -15.93 -9.20 -8.54
C ALA A 136 -16.72 -10.08 -9.51
N TYR A 137 -16.77 -9.64 -10.77
CA TYR A 137 -17.50 -10.37 -11.80
C TYR A 137 -16.85 -11.68 -12.21
N THR A 138 -15.56 -11.61 -12.54
CA THR A 138 -14.84 -12.80 -12.99
C THR A 138 -14.66 -13.91 -11.97
N GLU A 139 -14.31 -13.53 -10.73
CA GLU A 139 -14.08 -14.53 -9.70
C GLU A 139 -15.26 -14.74 -8.76
N GLU A 140 -16.31 -13.93 -8.98
N GLU A 140 -16.33 -13.97 -8.96
CA GLU A 140 -17.54 -13.99 -8.21
CA GLU A 140 -17.54 -14.12 -8.15
C GLU A 140 -17.31 -13.83 -6.70
C GLU A 140 -17.28 -13.86 -6.66
N VAL A 141 -16.73 -12.69 -6.34
CA VAL A 141 -16.46 -12.36 -4.95
C VAL A 141 -17.10 -11.02 -4.67
N VAL A 142 -17.29 -10.71 -3.39
CA VAL A 142 -17.82 -9.40 -3.02
C VAL A 142 -16.53 -8.61 -2.82
N LEU A 143 -16.36 -7.56 -3.62
CA LEU A 143 -15.14 -6.75 -3.56
C LEU A 143 -15.40 -5.39 -2.93
N VAL A 144 -14.70 -5.13 -1.83
CA VAL A 144 -14.84 -3.85 -1.13
C VAL A 144 -13.55 -3.05 -1.23
N SER A 145 -13.67 -1.73 -1.32
CA SER A 145 -12.51 -0.87 -1.34
C SER A 145 -12.81 0.23 -0.30
N LEU A 146 -11.91 0.39 0.66
CA LEU A 146 -12.11 1.39 1.69
C LEU A 146 -11.27 2.65 1.47
N SER A 147 -11.37 3.60 2.39
CA SER A 147 -10.60 4.83 2.30
C SER A 147 -10.11 5.18 3.69
N TYR A 148 -9.08 6.01 3.76
CA TYR A 148 -8.54 6.41 5.04
C TYR A 148 -7.75 7.70 4.89
N ARG A 149 -7.72 8.48 5.95
N ARG A 149 -7.72 8.49 5.95
CA ARG A 149 -7.00 9.75 5.95
CA ARG A 149 -7.00 9.76 5.94
C ARG A 149 -5.51 9.52 5.75
C ARG A 149 -5.51 9.52 5.74
N VAL A 150 -4.90 10.36 4.90
CA VAL A 150 -3.48 10.26 4.64
C VAL A 150 -2.86 11.61 5.01
N GLY A 151 -1.55 11.73 4.87
CA GLY A 151 -0.90 12.98 5.21
C GLY A 151 -1.07 13.32 6.69
N ALA A 152 -0.89 14.59 7.04
CA ALA A 152 -1.02 15.02 8.43
C ALA A 152 -2.41 14.67 8.97
N PHE A 153 -3.41 14.77 8.11
CA PHE A 153 -4.79 14.48 8.48
C PHE A 153 -4.97 13.09 9.07
N GLY A 154 -4.22 12.11 8.58
CA GLY A 154 -4.36 10.77 9.10
C GLY A 154 -3.21 10.26 9.97
N PHE A 155 -2.10 10.98 10.00
CA PHE A 155 -0.97 10.48 10.78
C PHE A 155 -0.17 11.46 11.61
N LEU A 156 -0.66 12.68 11.76
CA LEU A 156 0.05 13.64 12.60
C LEU A 156 0.09 12.94 13.97
N ALA A 157 1.24 12.93 14.61
CA ALA A 157 1.33 12.22 15.89
C ALA A 157 1.99 12.96 17.04
N LEU A 158 1.20 13.28 18.05
CA LEU A 158 1.69 13.95 19.25
C LEU A 158 1.35 13.00 20.39
N HIS A 159 2.09 11.90 20.47
CA HIS A 159 1.88 10.88 21.49
C HIS A 159 1.66 11.48 22.87
N GLY A 160 0.64 10.97 23.57
CA GLY A 160 0.32 11.48 24.89
C GLY A 160 -0.95 12.30 24.83
N SER A 161 -1.19 12.91 23.67
CA SER A 161 -2.37 13.73 23.44
C SER A 161 -3.53 12.88 22.99
N GLN A 162 -4.75 13.38 23.18
CA GLN A 162 -5.94 12.65 22.77
C GLN A 162 -6.59 13.33 21.59
N GLU A 163 -6.12 14.53 21.25
CA GLU A 163 -6.66 15.27 20.12
C GLU A 163 -5.97 14.87 18.82
N ALA A 164 -4.74 14.37 18.94
CA ALA A 164 -3.96 13.94 17.79
C ALA A 164 -2.97 12.86 18.24
N PRO A 165 -3.50 11.68 18.59
CA PRO A 165 -2.69 10.55 19.06
C PRO A 165 -1.82 9.88 17.99
N GLY A 166 -2.24 10.00 16.74
CA GLY A 166 -1.49 9.37 15.67
C GLY A 166 -2.21 8.09 15.24
N ASN A 167 -1.79 7.52 14.12
CA ASN A 167 -2.37 6.30 13.59
C ASN A 167 -3.87 6.32 13.29
N VAL A 168 -4.50 7.49 13.35
CA VAL A 168 -5.93 7.55 13.11
C VAL A 168 -6.30 7.03 11.72
N GLY A 169 -5.42 7.27 10.74
CA GLY A 169 -5.67 6.78 9.40
C GLY A 169 -5.77 5.26 9.41
N LEU A 170 -5.04 4.62 10.32
CA LEU A 170 -5.08 3.17 10.44
C LEU A 170 -6.38 2.77 11.14
N LEU A 171 -6.84 3.61 12.05
CA LEU A 171 -8.09 3.36 12.76
C LEU A 171 -9.25 3.54 11.78
N ASP A 172 -9.08 4.41 10.78
CA ASP A 172 -10.10 4.61 9.77
C ASP A 172 -10.26 3.29 9.05
N GLN A 173 -9.13 2.67 8.70
CA GLN A 173 -9.17 1.39 8.00
C GLN A 173 -9.89 0.34 8.83
N ARG A 174 -9.51 0.25 10.11
CA ARG A 174 -10.11 -0.72 11.01
C ARG A 174 -11.62 -0.52 11.11
N MET A 175 -12.06 0.73 11.19
CA MET A 175 -13.49 0.99 11.29
C MET A 175 -14.22 0.50 10.05
N ALA A 176 -13.60 0.62 8.89
CA ALA A 176 -14.24 0.13 7.67
C ALA A 176 -14.28 -1.39 7.73
N LEU A 177 -13.23 -2.00 8.27
CA LEU A 177 -13.19 -3.46 8.39
C LEU A 177 -14.27 -3.90 9.38
N GLN A 178 -14.49 -3.09 10.41
CA GLN A 178 -15.51 -3.40 11.41
C GLN A 178 -16.88 -3.34 10.74
N TRP A 179 -17.10 -2.31 9.93
CA TRP A 179 -18.36 -2.13 9.21
C TRP A 179 -18.62 -3.32 8.30
N VAL A 180 -17.56 -3.78 7.61
CA VAL A 180 -17.68 -4.92 6.72
C VAL A 180 -18.05 -6.18 7.50
N HIS A 181 -17.44 -6.33 8.67
CA HIS A 181 -17.68 -7.48 9.54
C HIS A 181 -19.12 -7.50 10.02
N ASP A 182 -19.68 -6.33 10.25
CA ASP A 182 -21.05 -6.21 10.74
C ASP A 182 -22.14 -6.22 9.67
N ASN A 183 -21.86 -5.64 8.50
CA ASN A 183 -22.88 -5.54 7.46
C ASN A 183 -22.70 -6.29 6.14
N ILE A 184 -21.50 -6.79 5.84
CA ILE A 184 -21.29 -7.47 4.57
C ILE A 184 -22.22 -8.65 4.27
N GLN A 185 -22.79 -9.24 5.32
CA GLN A 185 -23.71 -10.37 5.14
C GLN A 185 -24.92 -9.93 4.31
N PHE A 186 -25.37 -8.71 4.55
CA PHE A 186 -26.53 -8.18 3.85
C PHE A 186 -26.31 -7.99 2.36
N PHE A 187 -25.04 -8.00 1.93
CA PHE A 187 -24.71 -7.86 0.52
C PHE A 187 -24.36 -9.22 -0.08
N GLY A 188 -24.55 -10.28 0.68
CA GLY A 188 -24.25 -11.61 0.18
C GLY A 188 -22.83 -12.05 0.49
N GLY A 189 -22.13 -11.26 1.28
CA GLY A 189 -20.76 -11.59 1.63
C GLY A 189 -20.69 -12.39 2.91
N ASP A 190 -19.67 -13.23 3.02
CA ASP A 190 -19.45 -14.05 4.21
C ASP A 190 -18.43 -13.34 5.11
N PRO A 191 -18.90 -12.69 6.18
CA PRO A 191 -17.99 -11.97 7.09
C PRO A 191 -16.93 -12.85 7.73
N LYS A 192 -17.05 -14.16 7.56
CA LYS A 192 -16.09 -15.08 8.16
C LYS A 192 -14.98 -15.43 7.20
N THR A 193 -15.12 -15.00 5.95
CA THR A 193 -14.10 -15.27 4.96
C THR A 193 -13.70 -13.98 4.25
N VAL A 194 -13.25 -13.02 5.05
CA VAL A 194 -12.80 -11.74 4.52
C VAL A 194 -11.28 -11.73 4.35
N THR A 195 -10.82 -11.27 3.21
CA THR A 195 -9.40 -11.17 2.94
C THR A 195 -9.08 -9.71 2.68
N ILE A 196 -8.10 -9.17 3.40
CA ILE A 196 -7.69 -7.80 3.17
C ILE A 196 -6.44 -7.83 2.30
N PHE A 197 -6.35 -6.91 1.36
CA PHE A 197 -5.18 -6.85 0.49
C PHE A 197 -4.92 -5.41 0.07
N GLY A 198 -3.65 -5.09 -0.16
CA GLY A 198 -3.27 -3.75 -0.55
C GLY A 198 -1.87 -3.73 -1.12
N GLU A 199 -1.48 -2.60 -1.71
CA GLU A 199 -0.16 -2.47 -2.31
C GLU A 199 0.64 -1.34 -1.63
N OAS A 200 1.97 -1.52 -1.52
CA OAS A 200 2.91 -0.62 -0.84
CB OAS A 200 3.28 0.57 -1.74
OG OAS A 200 2.44 1.69 -1.61
C OAS A 200 2.35 -0.17 0.52
O OAS A 200 2.20 -1.01 1.39
C2A OAS A 200 4.71 2.83 -1.12
C1A OAS A 200 3.20 2.90 -1.40
OAC OAS A 200 2.68 4.00 -1.66
N ALA A 201 2.03 1.12 0.72
CA ALA A 201 1.49 1.56 2.02
C ALA A 201 0.28 0.74 2.42
N GLY A 202 -0.48 0.28 1.43
CA GLY A 202 -1.64 -0.53 1.69
C GLY A 202 -1.19 -1.93 2.12
N GLY A 203 -0.08 -2.37 1.54
CA GLY A 203 0.45 -3.68 1.90
C GLY A 203 1.06 -3.62 3.29
N ALA A 204 1.69 -2.50 3.61
CA ALA A 204 2.29 -2.34 4.92
C ALA A 204 1.15 -2.29 5.92
N SER A 205 0.05 -1.66 5.52
CA SER A 205 -1.14 -1.56 6.36
C SER A 205 -1.69 -2.94 6.69
N VAL A 206 -1.85 -3.77 5.67
CA VAL A 206 -2.34 -5.12 5.88
C VAL A 206 -1.52 -5.79 6.97
N GLY A 207 -0.19 -5.72 6.82
CA GLY A 207 0.69 -6.31 7.81
C GLY A 207 0.49 -5.71 9.19
N MET A 208 0.19 -4.41 9.25
CA MET A 208 -0.01 -3.76 10.53
C MET A 208 -1.29 -4.23 11.23
N HIS A 209 -2.30 -4.62 10.45
CA HIS A 209 -3.54 -5.12 11.03
C HIS A 209 -3.32 -6.55 11.50
N ILE A 210 -2.38 -7.24 10.85
CA ILE A 210 -2.04 -8.60 11.24
C ILE A 210 -1.36 -8.54 12.61
N LEU A 211 -0.57 -7.50 12.82
CA LEU A 211 0.16 -7.32 14.09
C LEU A 211 -0.70 -6.76 15.24
N SER A 212 -1.44 -5.69 14.98
CA SER A 212 -2.28 -5.04 16.00
C SER A 212 -3.43 -5.88 16.55
N PRO A 213 -3.40 -6.19 17.86
CA PRO A 213 -4.46 -6.98 18.50
C PRO A 213 -5.87 -6.47 18.20
N GLY A 214 -6.04 -5.15 18.17
CA GLY A 214 -7.35 -4.58 17.91
C GLY A 214 -7.89 -4.76 16.51
N SER A 215 -7.11 -5.35 15.61
CA SER A 215 -7.56 -5.55 14.23
C SER A 215 -7.69 -7.02 13.82
N ARG A 216 -6.92 -7.89 14.45
CA ARG A 216 -6.90 -9.32 14.13
C ARG A 216 -8.22 -10.07 13.92
N ASP A 217 -9.21 -9.78 14.75
CA ASP A 217 -10.49 -10.49 14.68
C ASP A 217 -11.38 -10.07 13.52
N LEU A 218 -11.01 -9.01 12.82
CA LEU A 218 -11.84 -8.50 11.73
C LEU A 218 -11.61 -9.05 10.33
N PHE A 219 -10.72 -10.03 10.18
CA PHE A 219 -10.49 -10.60 8.87
C PHE A 219 -9.94 -12.01 8.98
N ARG A 220 -10.00 -12.76 7.89
CA ARG A 220 -9.57 -14.15 7.87
C ARG A 220 -8.12 -14.35 7.42
N ARG A 221 -7.78 -13.80 6.27
CA ARG A 221 -6.43 -13.92 5.75
C ARG A 221 -5.96 -12.64 5.07
N ALA A 222 -4.73 -12.63 4.57
CA ALA A 222 -4.20 -11.42 3.98
C ALA A 222 -3.24 -11.55 2.80
N ILE A 223 -3.22 -10.50 1.98
CA ILE A 223 -2.35 -10.42 0.82
C ILE A 223 -1.63 -9.08 0.88
N LEU A 224 -0.30 -9.14 0.76
CA LEU A 224 0.51 -7.91 0.80
C LEU A 224 1.30 -7.80 -0.50
N GLN A 225 1.12 -6.70 -1.20
CA GLN A 225 1.82 -6.46 -2.46
C GLN A 225 2.80 -5.30 -2.33
N SER A 226 4.07 -5.59 -2.58
CA SER A 226 5.15 -4.60 -2.54
C SER A 226 5.11 -3.72 -1.30
N GLY A 227 4.92 -4.35 -0.15
CA GLY A 227 4.88 -3.59 1.08
C GLY A 227 4.84 -4.52 2.28
N SER A 228 5.49 -4.09 3.35
N SER A 228 5.49 -4.11 3.36
CA SER A 228 5.57 -4.87 4.58
CA SER A 228 5.48 -4.91 4.58
C SER A 228 5.52 -3.92 5.76
C SER A 228 5.48 -3.93 5.75
N PRO A 229 5.00 -4.38 6.92
CA PRO A 229 4.94 -3.48 8.07
C PRO A 229 6.28 -2.93 8.56
N ASN A 230 7.33 -3.72 8.40
CA ASN A 230 8.66 -3.33 8.84
C ASN A 230 9.49 -2.47 7.87
N CYS A 231 8.89 -2.03 6.76
CA CYS A 231 9.63 -1.19 5.83
C CYS A 231 10.19 0.05 6.53
N PRO A 232 11.40 0.50 6.15
CA PRO A 232 12.03 1.68 6.77
C PRO A 232 11.27 3.01 6.66
N TRP A 233 10.31 3.07 5.74
CA TRP A 233 9.52 4.27 5.51
C TRP A 233 8.10 4.20 6.07
N ALA A 234 7.67 3.00 6.44
CA ALA A 234 6.31 2.79 6.93
C ALA A 234 5.98 3.22 8.37
N SER A 235 6.98 3.58 9.15
CA SER A 235 6.71 4.02 10.53
C SER A 235 7.86 4.83 11.12
N VAL A 236 7.54 5.56 12.19
CA VAL A 236 8.51 6.38 12.91
C VAL A 236 8.25 6.20 14.41
N SER A 237 9.20 6.65 15.22
CA SER A 237 9.06 6.56 16.68
C SER A 237 8.14 7.67 17.15
N VAL A 238 7.68 7.59 18.39
CA VAL A 238 6.81 8.64 18.93
C VAL A 238 7.56 9.96 18.99
N ALA A 239 8.85 9.90 19.31
CA ALA A 239 9.65 11.11 19.38
C ALA A 239 9.81 11.75 18.01
N GLU A 240 10.06 10.96 16.97
CA GLU A 240 10.21 11.50 15.62
C GLU A 240 8.87 12.05 15.12
N GLY A 241 7.79 11.35 15.44
CA GLY A 241 6.47 11.81 15.02
C GLY A 241 6.18 13.17 15.64
N ARG A 242 6.54 13.31 16.92
CA ARG A 242 6.32 14.55 17.64
C ARG A 242 7.17 15.67 17.03
N ARG A 243 8.43 15.36 16.73
CA ARG A 243 9.31 16.37 16.14
C ARG A 243 8.73 16.93 14.84
N ARG A 244 8.23 16.04 13.98
CA ARG A 244 7.66 16.48 12.70
C ARG A 244 6.37 17.27 12.85
N ALA A 245 5.56 16.93 13.86
CA ALA A 245 4.30 17.65 14.09
C ALA A 245 4.63 19.08 14.51
N VAL A 246 5.58 19.21 15.43
CA VAL A 246 6.01 20.51 15.92
C VAL A 246 6.60 21.30 14.75
N GLU A 247 7.46 20.65 13.97
CA GLU A 247 8.08 21.30 12.81
C GLU A 247 7.04 21.72 11.79
N LEU A 248 5.93 20.98 11.72
CA LEU A 248 4.89 21.34 10.77
C LEU A 248 4.26 22.62 11.28
N GLY A 249 4.05 22.68 12.60
CA GLY A 249 3.46 23.86 13.20
C GLY A 249 4.38 25.04 13.01
N ARG A 250 5.68 24.81 13.16
CA ARG A 250 6.65 25.89 12.98
C ARG A 250 6.54 26.46 11.56
N ASN A 251 6.23 25.60 10.59
CA ASN A 251 6.09 26.01 9.20
C ASN A 251 4.83 26.85 8.98
N LEU A 252 3.85 26.71 9.87
CA LEU A 252 2.61 27.44 9.76
C LEU A 252 2.48 28.57 10.77
N ASN A 253 3.61 29.00 11.31
CA ASN A 253 3.65 30.08 12.29
C ASN A 253 2.63 29.83 13.41
N CYS A 254 2.74 28.67 14.04
CA CYS A 254 1.84 28.30 15.12
C CYS A 254 2.48 28.54 16.48
N ASN A 255 1.63 28.62 17.49
CA ASN A 255 2.09 28.80 18.86
C ASN A 255 2.55 27.41 19.26
N LEU A 256 3.79 27.26 19.71
CA LEU A 256 4.29 25.95 20.06
C LEU A 256 4.49 25.73 21.56
N ASN A 257 3.78 26.49 22.38
CA ASN A 257 3.92 26.36 23.83
C ASN A 257 3.34 25.10 24.43
N SER A 258 2.39 24.49 23.73
CA SER A 258 1.75 23.26 24.22
C SER A 258 1.06 22.51 23.08
N ASP A 259 0.87 21.21 23.28
CA ASP A 259 0.19 20.40 22.27
C ASP A 259 -1.16 21.01 21.97
N GLU A 260 -1.86 21.39 23.04
CA GLU A 260 -3.18 21.99 22.96
C GLU A 260 -3.17 23.17 22.00
N GLU A 261 -2.22 24.07 22.18
CA GLU A 261 -2.11 25.25 21.33
C GLU A 261 -1.65 24.90 19.91
N LEU A 262 -0.79 23.90 19.78
CA LEU A 262 -0.30 23.47 18.47
C LEU A 262 -1.47 22.87 17.70
N ILE A 263 -2.15 21.91 18.32
CA ILE A 263 -3.29 21.26 17.68
C ILE A 263 -4.39 22.25 17.31
N HIS A 264 -4.67 23.20 18.20
CA HIS A 264 -5.71 24.19 17.92
C HIS A 264 -5.37 25.01 16.68
N CYS A 265 -4.11 25.41 16.58
CA CYS A 265 -3.63 26.20 15.44
C CYS A 265 -3.74 25.43 14.12
N LEU A 266 -3.27 24.18 14.13
CA LEU A 266 -3.31 23.35 12.94
C LEU A 266 -4.74 23.13 12.48
N ARG A 267 -5.66 23.03 13.44
CA ARG A 267 -7.07 22.81 13.11
C ARG A 267 -7.73 24.02 12.46
N GLU A 268 -7.14 25.20 12.66
CA GLU A 268 -7.70 26.42 12.09
C GLU A 268 -7.17 26.66 10.68
N LYS A 269 -6.20 25.86 10.27
CA LYS A 269 -5.62 26.01 8.94
C LYS A 269 -6.43 25.27 7.88
N LYS A 270 -6.43 25.80 6.66
CA LYS A 270 -7.15 25.16 5.58
C LYS A 270 -6.33 23.95 5.15
N PRO A 271 -7.00 22.90 4.65
CA PRO A 271 -6.30 21.68 4.22
C PRO A 271 -5.04 21.93 3.38
N GLN A 272 -5.18 22.68 2.30
CA GLN A 272 -4.07 22.95 1.41
C GLN A 272 -2.89 23.63 2.11
N GLU A 273 -3.16 24.34 3.21
CA GLU A 273 -2.08 25.00 3.94
C GLU A 273 -1.15 23.97 4.57
N LEU A 274 -1.72 22.88 5.06
CA LEU A 274 -0.93 21.82 5.66
C LEU A 274 -0.14 21.08 4.58
N ILE A 275 -0.80 20.81 3.45
CA ILE A 275 -0.18 20.12 2.34
C ILE A 275 0.97 20.90 1.70
N ASP A 276 0.85 22.22 1.63
CA ASP A 276 1.91 23.03 1.02
C ASP A 276 3.26 22.94 1.71
N VAL A 277 3.28 22.60 2.99
CA VAL A 277 4.53 22.51 3.73
C VAL A 277 4.85 21.13 4.28
N GLU A 278 4.01 20.15 3.96
CA GLU A 278 4.18 18.79 4.43
C GLU A 278 5.57 18.17 4.22
N TRP A 279 6.15 18.37 3.04
CA TRP A 279 7.46 17.81 2.73
C TRP A 279 8.63 18.52 3.39
N ASN A 280 8.36 19.62 4.11
CA ASN A 280 9.45 20.35 4.75
C ASN A 280 9.89 19.80 6.10
N VAL A 281 9.21 18.77 6.59
CA VAL A 281 9.52 18.21 7.90
C VAL A 281 10.39 16.96 7.92
N LEU A 282 10.78 16.45 6.76
CA LEU A 282 11.64 15.28 6.71
C LEU A 282 12.99 15.61 7.37
N PRO A 283 13.53 14.68 8.16
CA PRO A 283 14.81 14.92 8.84
C PRO A 283 16.05 14.98 7.94
N PHE A 284 16.01 14.29 6.80
CA PHE A 284 17.15 14.27 5.89
C PHE A 284 16.76 14.50 4.44
N ASP A 285 17.76 14.78 3.62
CA ASP A 285 17.57 14.94 2.19
C ASP A 285 17.49 13.46 1.83
N SER A 286 16.37 13.03 1.27
CA SER A 286 16.23 11.61 0.98
C SER A 286 15.16 11.28 -0.02
N ILE A 287 15.12 10.00 -0.42
CA ILE A 287 14.09 9.54 -1.33
C ILE A 287 13.39 8.36 -0.67
N PHE A 288 12.15 8.11 -1.07
CA PHE A 288 11.37 7.02 -0.51
C PHE A 288 11.15 7.21 0.99
N ARG A 289 10.96 8.46 1.41
CA ARG A 289 10.69 8.77 2.82
C ARG A 289 9.53 9.76 2.84
N PHE A 290 8.51 9.44 3.64
CA PHE A 290 7.32 10.27 3.72
C PHE A 290 7.11 10.82 5.13
N SER A 291 6.63 12.07 5.18
CA SER A 291 6.42 12.80 6.42
C SER A 291 5.52 12.24 7.51
N PHE A 292 4.27 11.94 7.18
CA PHE A 292 3.34 11.44 8.19
C PHE A 292 2.92 10.01 7.97
N VAL A 293 3.49 9.13 8.77
CA VAL A 293 3.24 7.71 8.69
C VAL A 293 2.91 7.16 10.08
N PRO A 294 2.50 5.87 10.14
CA PRO A 294 2.18 5.25 11.43
C PRO A 294 3.28 5.45 12.46
N VAL A 295 2.89 5.47 13.73
CA VAL A 295 3.83 5.66 14.83
C VAL A 295 3.78 4.45 15.77
N ILE A 296 4.95 4.00 16.22
CA ILE A 296 5.03 2.87 17.14
C ILE A 296 4.68 3.48 18.49
N ASP A 297 3.38 3.48 18.78
CA ASP A 297 2.80 4.11 19.96
C ASP A 297 2.62 3.30 21.25
N GLY A 298 2.76 1.99 21.18
CA GLY A 298 2.56 1.21 22.38
C GLY A 298 1.08 0.86 22.55
N GLU A 299 0.24 1.40 21.68
CA GLU A 299 -1.19 1.14 21.70
C GLU A 299 -1.60 0.28 20.51
N PHE A 300 -1.64 0.89 19.32
CA PHE A 300 -1.99 0.15 18.11
C PHE A 300 -0.94 -0.94 17.95
N PHE A 301 0.31 -0.60 18.27
CA PHE A 301 1.43 -1.54 18.23
C PHE A 301 1.90 -1.64 19.69
N PRO A 302 1.70 -2.80 20.33
CA PRO A 302 2.09 -3.01 21.74
C PRO A 302 3.58 -2.78 22.02
N THR A 303 4.43 -3.34 21.17
CA THR A 303 5.87 -3.19 21.32
C THR A 303 6.46 -2.96 19.94
N SER A 304 7.79 -2.95 19.86
CA SER A 304 8.46 -2.75 18.58
C SER A 304 7.99 -3.81 17.59
N LEU A 305 7.98 -3.47 16.31
CA LEU A 305 7.56 -4.41 15.28
C LEU A 305 8.45 -5.65 15.30
N GLU A 306 9.75 -5.45 15.43
CA GLU A 306 10.67 -6.58 15.45
C GLU A 306 10.42 -7.52 16.64
N SER A 307 10.16 -6.97 17.82
CA SER A 307 9.92 -7.85 18.96
C SER A 307 8.60 -8.59 18.81
N MET A 308 7.63 -7.97 18.15
CA MET A 308 6.35 -8.65 17.93
C MET A 308 6.56 -9.81 16.97
N LEU A 309 7.37 -9.58 15.95
CA LEU A 309 7.66 -10.60 14.94
C LEU A 309 8.46 -11.78 15.50
N ASN A 310 9.42 -11.49 16.38
CA ASN A 310 10.25 -12.52 16.99
C ASN A 310 9.47 -13.42 17.93
N SER A 311 8.58 -12.81 18.70
CA SER A 311 7.78 -13.54 19.67
C SER A 311 6.51 -14.19 19.10
N GLY A 312 6.18 -13.86 17.86
CA GLY A 312 4.98 -14.43 17.28
C GLY A 312 3.73 -13.72 17.78
N ASN A 313 3.90 -12.49 18.27
CA ASN A 313 2.77 -11.73 18.75
C ASN A 313 2.05 -11.12 17.55
N PHE A 314 1.28 -11.94 16.84
CA PHE A 314 0.54 -11.49 15.67
C PHE A 314 -0.48 -12.53 15.22
N LYS A 315 -1.44 -12.10 14.41
CA LYS A 315 -2.47 -13.00 13.92
C LYS A 315 -1.82 -14.09 13.09
N LYS A 316 -2.15 -15.34 13.41
CA LYS A 316 -1.59 -16.49 12.70
C LYS A 316 -2.65 -17.01 11.75
N THR A 317 -2.36 -16.90 10.45
CA THR A 317 -3.29 -17.33 9.42
C THR A 317 -2.46 -17.58 8.16
N GLN A 318 -3.07 -17.50 6.98
CA GLN A 318 -2.32 -17.70 5.74
C GLN A 318 -2.14 -16.34 5.08
N ILE A 319 -1.02 -16.17 4.38
CA ILE A 319 -0.75 -14.93 3.69
C ILE A 319 -0.16 -15.22 2.33
N LEU A 320 -0.38 -14.28 1.42
CA LEU A 320 0.14 -14.37 0.07
C LEU A 320 0.75 -12.99 -0.15
N LEU A 321 2.02 -12.95 -0.55
CA LEU A 321 2.71 -11.69 -0.76
C LEU A 321 3.82 -11.78 -1.80
N GLY A 322 4.29 -10.62 -2.26
CA GLY A 322 5.34 -10.59 -3.25
C GLY A 322 5.81 -9.19 -3.57
N VAL A 323 6.75 -9.08 -4.51
CA VAL A 323 7.31 -7.80 -4.91
C VAL A 323 7.47 -7.71 -6.43
N ASN A 324 7.73 -6.50 -6.91
CA ASN A 324 7.95 -6.27 -8.34
C ASN A 324 9.47 -6.15 -8.55
N LYS A 325 9.91 -6.38 -9.78
CA LYS A 325 11.34 -6.34 -10.09
C LYS A 325 12.04 -4.99 -9.92
N ASP A 326 11.37 -3.89 -10.22
CA ASP A 326 12.02 -2.58 -10.10
C ASP A 326 11.26 -1.59 -9.22
N GLU A 327 11.10 -1.95 -7.95
CA GLU A 327 10.38 -1.12 -6.98
C GLU A 327 10.94 0.29 -6.82
N GLY A 328 12.24 0.46 -7.01
CA GLY A 328 12.82 1.79 -6.81
C GLY A 328 12.86 2.83 -7.92
N SER A 329 12.71 2.42 -9.17
CA SER A 329 12.79 3.37 -10.29
C SER A 329 11.96 4.65 -10.16
N PHE A 330 10.72 4.54 -9.69
CA PHE A 330 9.86 5.72 -9.57
C PHE A 330 10.42 6.81 -8.68
N PHE A 331 10.94 6.43 -7.52
CA PHE A 331 11.47 7.39 -6.57
C PHE A 331 12.81 7.97 -6.97
N LEU A 332 13.54 7.29 -7.85
CA LEU A 332 14.82 7.79 -8.32
C LEU A 332 14.53 8.87 -9.38
N LEU A 333 13.52 8.61 -10.22
CA LEU A 333 13.11 9.55 -11.25
C LEU A 333 12.74 10.89 -10.63
N TYR A 334 11.87 10.85 -9.63
CA TYR A 334 11.41 12.05 -8.98
C TYR A 334 12.42 12.83 -8.15
N GLY A 335 13.52 12.22 -7.73
CA GLY A 335 14.44 12.98 -6.91
C GLY A 335 15.94 12.83 -7.07
N ALA A 336 16.39 11.66 -7.53
CA ALA A 336 17.81 11.42 -7.68
C ALA A 336 18.40 12.20 -8.86
N PRO A 337 19.55 12.84 -8.65
CA PRO A 337 20.17 13.61 -9.73
C PRO A 337 20.61 12.70 -10.90
N GLY A 338 20.32 13.12 -12.12
CA GLY A 338 20.72 12.35 -13.28
C GLY A 338 19.61 11.54 -13.94
N PHE A 339 18.48 11.40 -13.28
CA PHE A 339 17.37 10.64 -13.84
C PHE A 339 16.37 11.60 -14.46
N SER A 340 15.85 11.23 -15.63
CA SER A 340 14.87 12.05 -16.34
C SER A 340 13.88 11.12 -17.02
N LYS A 341 12.65 11.59 -17.17
CA LYS A 341 11.63 10.77 -17.79
C LYS A 341 11.87 10.51 -19.27
N ASP A 342 12.42 11.50 -19.98
CA ASP A 342 12.63 11.36 -21.41
C ASP A 342 14.02 10.94 -21.90
N SER A 343 14.88 10.50 -20.99
CA SER A 343 16.22 10.05 -21.37
C SER A 343 16.42 8.64 -20.81
N GLU A 344 17.50 7.99 -21.22
CA GLU A 344 17.82 6.65 -20.74
C GLU A 344 18.37 6.69 -19.31
N SER A 345 18.61 7.90 -18.82
CA SER A 345 19.12 8.10 -17.46
C SER A 345 20.37 7.31 -17.10
N LYS A 346 21.38 7.35 -17.96
CA LYS A 346 22.63 6.67 -17.66
C LYS A 346 23.30 7.50 -16.57
N ILE A 347 23.68 6.83 -15.49
CA ILE A 347 24.25 7.52 -14.34
C ILE A 347 25.77 7.53 -14.21
N SER A 348 26.30 8.74 -14.00
CA SER A 348 27.73 8.92 -13.84
C SER A 348 28.10 8.33 -12.48
N ARG A 349 29.38 8.16 -12.23
CA ARG A 349 29.85 7.61 -10.97
C ARG A 349 29.51 8.58 -9.84
N GLU A 350 29.57 9.88 -10.14
N GLU A 350 29.59 9.88 -10.14
CA GLU A 350 29.30 10.92 -9.16
CA GLU A 350 29.30 10.92 -9.15
C GLU A 350 27.83 10.86 -8.74
C GLU A 350 27.84 10.89 -8.75
N ASP A 351 26.94 10.79 -9.74
CA ASP A 351 25.51 10.74 -9.47
C ASP A 351 25.15 9.45 -8.73
N PHE A 352 25.88 8.38 -9.01
CA PHE A 352 25.62 7.11 -8.34
C PHE A 352 25.87 7.32 -6.86
N MET A 353 26.99 7.96 -6.54
N MET A 353 26.99 7.96 -6.54
CA MET A 353 27.36 8.23 -5.16
CA MET A 353 27.36 8.22 -5.15
C MET A 353 26.31 9.09 -4.46
C MET A 353 26.32 9.09 -4.46
N SER A 354 25.83 10.12 -5.15
CA SER A 354 24.81 11.00 -4.60
C SER A 354 23.52 10.23 -4.35
N GLY A 355 23.20 9.32 -5.26
CA GLY A 355 22.00 8.51 -5.13
C GLY A 355 22.04 7.61 -3.92
N VAL A 356 23.18 6.97 -3.71
CA VAL A 356 23.36 6.08 -2.57
C VAL A 356 23.08 6.84 -1.28
N LYS A 357 23.60 8.06 -1.19
CA LYS A 357 23.40 8.87 -0.01
C LYS A 357 21.94 9.22 0.20
N LEU A 358 21.22 9.51 -0.89
CA LEU A 358 19.81 9.84 -0.78
C LEU A 358 19.00 8.61 -0.39
N SER A 359 19.49 7.43 -0.78
CA SER A 359 18.81 6.17 -0.51
C SER A 359 18.97 5.61 0.91
N VAL A 360 20.12 5.86 1.53
CA VAL A 360 20.34 5.36 2.87
C VAL A 360 20.72 6.55 3.75
N PRO A 361 19.75 7.43 4.02
CA PRO A 361 19.95 8.65 4.83
C PRO A 361 20.55 8.47 6.24
N HIS A 362 20.22 7.35 6.88
N HIS A 362 20.20 7.37 6.90
CA HIS A 362 20.70 7.06 8.22
CA HIS A 362 20.71 7.10 8.25
C HIS A 362 22.10 6.43 8.22
C HIS A 362 22.12 6.49 8.25
N ALA A 363 22.83 6.60 7.12
CA ALA A 363 24.17 6.00 7.04
C ALA A 363 25.41 6.88 7.16
N ASN A 364 26.36 6.39 7.94
CA ASN A 364 27.65 7.07 8.12
C ASN A 364 28.48 6.66 6.91
N ASP A 365 29.61 7.33 6.71
CA ASP A 365 30.49 7.04 5.58
C ASP A 365 30.85 5.58 5.37
N LEU A 366 31.14 4.86 6.45
CA LEU A 366 31.49 3.45 6.33
C LEU A 366 30.31 2.68 5.72
N GLY A 367 29.12 2.98 6.21
CA GLY A 367 27.92 2.33 5.70
C GLY A 367 27.74 2.61 4.22
N LEU A 368 27.88 3.87 3.83
CA LEU A 368 27.74 4.24 2.42
C LEU A 368 28.76 3.50 1.58
N ASP A 369 29.97 3.32 2.11
CA ASP A 369 31.02 2.61 1.38
C ASP A 369 30.63 1.15 1.21
N ALA A 370 30.05 0.57 2.26
CA ALA A 370 29.63 -0.82 2.22
C ALA A 370 28.59 -0.99 1.12
N VAL A 371 27.60 -0.11 1.09
CA VAL A 371 26.56 -0.19 0.07
C VAL A 371 27.17 -0.05 -1.32
N THR A 372 27.97 0.98 -1.53
CA THR A 372 28.60 1.21 -2.83
C THR A 372 29.39 -0.01 -3.29
N LEU A 373 30.24 -0.53 -2.43
CA LEU A 373 31.05 -1.69 -2.78
C LEU A 373 30.16 -2.87 -3.14
N GLN A 374 29.11 -3.07 -2.36
CA GLN A 374 28.18 -4.16 -2.55
C GLN A 374 27.48 -4.11 -3.93
N TYR A 375 27.24 -2.90 -4.44
CA TYR A 375 26.55 -2.75 -5.71
C TYR A 375 27.39 -2.20 -6.87
N THR A 376 28.71 -2.26 -6.75
CA THR A 376 29.56 -1.76 -7.82
C THR A 376 30.40 -2.81 -8.49
N ASP A 377 30.34 -2.84 -9.82
CA ASP A 377 31.14 -3.76 -10.61
C ASP A 377 32.45 -3.01 -10.85
N TRP A 378 33.50 -3.37 -10.11
CA TRP A 378 34.77 -2.68 -10.25
C TRP A 378 35.59 -2.94 -11.52
N MET A 379 35.08 -3.78 -12.40
N MET A 379 35.08 -3.79 -12.40
CA MET A 379 35.74 -4.08 -13.67
CA MET A 379 35.77 -4.06 -13.66
C MET A 379 35.15 -3.16 -14.72
C MET A 379 35.19 -3.10 -14.70
N ASP A 380 34.06 -2.50 -14.38
CA ASP A 380 33.37 -1.60 -15.30
C ASP A 380 32.55 -0.57 -14.51
N ASP A 381 33.21 0.16 -13.62
CA ASP A 381 32.56 1.14 -12.75
C ASP A 381 32.04 2.43 -13.38
N ASN A 382 32.38 2.68 -14.63
CA ASN A 382 31.90 3.89 -15.29
C ASN A 382 30.78 3.59 -16.28
N ASN A 383 30.29 2.36 -16.23
CA ASN A 383 29.20 1.95 -17.10
C ASN A 383 27.90 2.60 -16.60
N GLY A 384 27.46 3.63 -17.33
CA GLY A 384 26.26 4.37 -16.97
C GLY A 384 24.99 3.55 -16.76
N ILE A 385 24.85 2.45 -17.50
CA ILE A 385 23.67 1.60 -17.36
C ILE A 385 23.73 0.75 -16.10
N LYS A 386 24.92 0.24 -15.78
CA LYS A 386 25.09 -0.58 -14.58
C LYS A 386 24.92 0.30 -13.34
N ASN A 387 25.39 1.53 -13.43
CA ASN A 387 25.27 2.47 -12.33
C ASN A 387 23.79 2.77 -12.08
N ARG A 388 23.05 3.01 -13.17
CA ARG A 388 21.63 3.30 -13.08
C ARG A 388 20.87 2.11 -12.50
N ASP A 389 21.06 0.94 -13.09
CA ASP A 389 20.40 -0.27 -12.63
C ASP A 389 20.81 -0.64 -11.20
N GLY A 390 22.07 -0.36 -10.88
CA GLY A 390 22.57 -0.64 -9.54
C GLY A 390 21.84 0.20 -8.51
N LEU A 391 21.71 1.49 -8.78
CA LEU A 391 21.00 2.40 -7.88
C LEU A 391 19.55 1.96 -7.75
N ASP A 392 18.98 1.54 -8.87
CA ASP A 392 17.60 1.09 -8.90
C ASP A 392 17.44 -0.08 -7.92
N ASP A 393 18.36 -1.04 -7.97
CA ASP A 393 18.31 -2.19 -7.09
C ASP A 393 18.46 -1.77 -5.62
N ILE A 394 19.39 -0.87 -5.36
CA ILE A 394 19.62 -0.38 -4.01
C ILE A 394 18.31 0.12 -3.39
N VAL A 395 17.63 1.02 -4.09
CA VAL A 395 16.37 1.57 -3.61
C VAL A 395 15.28 0.51 -3.39
N GLY A 396 15.15 -0.41 -4.34
CA GLY A 396 14.12 -1.45 -4.21
C GLY A 396 14.42 -2.47 -3.14
N ASP A 397 15.68 -2.92 -3.09
CA ASP A 397 16.12 -3.89 -2.12
C ASP A 397 15.94 -3.35 -0.70
N HIS A 398 16.49 -2.17 -0.47
CA HIS A 398 16.44 -1.54 0.84
C HIS A 398 15.04 -1.16 1.33
N ASN A 399 14.22 -0.61 0.45
CA ASN A 399 12.89 -0.15 0.82
C ASN A 399 11.73 -1.14 0.73
N VAL A 400 11.82 -2.15 -0.14
CA VAL A 400 10.71 -3.08 -0.31
C VAL A 400 11.04 -4.56 -0.23
N ILE A 401 11.96 -5.02 -1.07
CA ILE A 401 12.27 -6.44 -1.10
C ILE A 401 12.86 -7.03 0.16
N CYS A 402 14.00 -6.52 0.62
CA CYS A 402 14.60 -7.09 1.81
C CYS A 402 13.74 -6.94 3.06
N PRO A 403 13.00 -5.82 3.20
CA PRO A 403 12.16 -5.72 4.41
C PRO A 403 11.07 -6.79 4.33
N LEU A 404 10.52 -6.99 3.13
CA LEU A 404 9.48 -7.99 2.94
C LEU A 404 10.02 -9.39 3.21
N MET A 405 11.21 -9.69 2.69
CA MET A 405 11.80 -11.01 2.91
C MET A 405 12.05 -11.26 4.39
N HIS A 406 12.34 -10.19 5.14
CA HIS A 406 12.56 -10.33 6.58
C HIS A 406 11.22 -10.67 7.22
N PHE A 407 10.17 -9.97 6.80
CA PHE A 407 8.84 -10.21 7.32
C PHE A 407 8.37 -11.63 7.00
N VAL A 408 8.51 -12.04 5.74
N VAL A 408 8.53 -12.03 5.75
CA VAL A 408 8.06 -13.38 5.35
CA VAL A 408 8.11 -13.36 5.31
C VAL A 408 8.76 -14.50 6.13
C VAL A 408 8.76 -14.47 6.13
N ASN A 409 10.06 -14.34 6.35
CA ASN A 409 10.79 -15.35 7.10
C ASN A 409 10.38 -15.39 8.58
N LYS A 410 10.08 -14.23 9.16
CA LYS A 410 9.66 -14.19 10.57
C LYS A 410 8.23 -14.71 10.73
N TYR A 411 7.34 -14.32 9.83
CA TYR A 411 5.94 -14.75 9.91
C TYR A 411 5.78 -16.24 9.70
N THR A 412 6.50 -16.77 8.71
CA THR A 412 6.42 -18.18 8.36
C THR A 412 6.75 -19.12 9.50
N LYS A 413 7.49 -18.65 10.50
CA LYS A 413 7.83 -19.50 11.63
C LYS A 413 6.61 -19.78 12.50
N PHE A 414 5.63 -18.88 12.47
CA PHE A 414 4.42 -19.05 13.28
C PHE A 414 3.13 -19.15 12.47
N GLY A 415 3.21 -18.77 11.20
CA GLY A 415 2.04 -18.81 10.33
C GLY A 415 1.46 -20.15 9.95
N ASN A 416 0.36 -20.11 9.20
CA ASN A 416 -0.34 -21.31 8.77
C ASN A 416 -0.27 -21.53 7.27
N GLY A 417 0.69 -20.88 6.61
CA GLY A 417 0.82 -21.03 5.17
C GLY A 417 1.23 -19.76 4.46
N THR A 418 2.36 -19.80 3.74
CA THR A 418 2.86 -18.64 3.03
C THR A 418 3.07 -18.90 1.54
N TYR A 419 2.68 -17.93 0.73
CA TYR A 419 2.83 -18.01 -0.72
C TYR A 419 3.54 -16.75 -1.20
N LEU A 420 4.70 -16.92 -1.81
CA LEU A 420 5.51 -15.79 -2.26
C LEU A 420 5.70 -15.68 -3.77
N TYR A 421 5.59 -14.46 -4.29
CA TYR A 421 5.75 -14.24 -5.73
C TYR A 421 6.72 -13.12 -6.05
N PHE A 422 7.25 -13.16 -7.27
CA PHE A 422 8.17 -12.15 -7.80
C PHE A 422 7.59 -11.78 -9.17
N PHE A 423 7.00 -10.58 -9.23
CA PHE A 423 6.37 -10.06 -10.45
C PHE A 423 7.38 -9.33 -11.32
N ASN A 424 7.66 -9.86 -12.50
CA ASN A 424 8.64 -9.22 -13.38
C ASN A 424 8.23 -9.05 -14.84
N HIS A 425 6.96 -8.75 -15.07
CA HIS A 425 6.47 -8.53 -16.43
C HIS A 425 6.21 -7.06 -16.68
N ARG A 426 6.88 -6.49 -17.66
CA ARG A 426 6.64 -5.08 -17.99
C ARG A 426 5.51 -5.05 -19.00
N ALA A 427 4.45 -4.31 -18.68
CA ALA A 427 3.30 -4.22 -19.58
C ALA A 427 3.69 -3.59 -20.91
N SER A 428 3.13 -4.15 -21.98
CA SER A 428 3.39 -3.68 -23.35
C SER A 428 2.89 -2.27 -23.64
N ASN A 429 1.87 -1.83 -22.91
CA ASN A 429 1.31 -0.50 -23.13
C ASN A 429 1.77 0.53 -22.09
N LEU A 430 2.86 0.23 -21.39
CA LEU A 430 3.39 1.13 -20.37
C LEU A 430 3.87 2.44 -20.99
N VAL A 431 3.43 3.56 -20.43
CA VAL A 431 3.84 4.87 -20.96
C VAL A 431 5.13 5.40 -20.36
N TRP A 432 5.56 4.82 -19.24
CA TRP A 432 6.80 5.23 -18.60
C TRP A 432 7.97 4.69 -19.41
N PRO A 433 9.14 5.34 -19.33
CA PRO A 433 10.31 4.88 -20.07
C PRO A 433 10.77 3.46 -19.70
N GLU A 434 11.49 2.83 -20.62
CA GLU A 434 12.00 1.47 -20.43
C GLU A 434 12.95 1.32 -19.25
N TRP A 435 13.84 2.29 -19.05
CA TRP A 435 14.81 2.16 -17.97
C TRP A 435 14.18 1.93 -16.61
N MET A 436 12.91 2.31 -16.46
CA MET A 436 12.21 2.15 -15.19
C MET A 436 11.76 0.71 -14.92
N GLY A 437 11.80 -0.14 -15.94
CA GLY A 437 11.42 -1.54 -15.77
C GLY A 437 10.02 -1.83 -15.27
N VAL A 438 9.91 -2.81 -14.38
CA VAL A 438 8.62 -3.21 -13.81
C VAL A 438 8.42 -2.35 -12.57
N ILE A 439 7.74 -1.23 -12.79
CA ILE A 439 7.47 -0.22 -11.79
C ILE A 439 6.58 -0.53 -10.60
N HIS A 440 6.88 0.16 -9.51
CA HIS A 440 6.18 0.08 -8.25
C HIS A 440 4.71 0.36 -8.51
N GLY A 441 3.87 -0.62 -8.20
CA GLY A 441 2.44 -0.46 -8.38
C GLY A 441 1.88 -0.90 -9.72
N TYR A 442 2.72 -1.40 -10.61
CA TYR A 442 2.22 -1.81 -11.90
C TYR A 442 1.80 -3.26 -12.05
N GLU A 443 1.54 -3.92 -10.93
CA GLU A 443 1.06 -5.29 -10.97
C GLU A 443 -0.43 -5.16 -10.63
N ILE A 444 -0.79 -4.00 -10.08
CA ILE A 444 -2.16 -3.73 -9.67
C ILE A 444 -3.18 -3.85 -10.81
N GLU A 445 -2.84 -3.31 -11.98
CA GLU A 445 -3.75 -3.38 -13.12
C GLU A 445 -4.04 -4.83 -13.50
N PHE A 446 -3.10 -5.73 -13.22
CA PHE A 446 -3.31 -7.15 -13.52
C PHE A 446 -4.15 -7.81 -12.43
N VAL A 447 -3.97 -7.36 -11.19
CA VAL A 447 -4.75 -7.92 -10.09
C VAL A 447 -6.22 -7.53 -10.27
N PHE A 448 -6.47 -6.32 -10.78
CA PHE A 448 -7.85 -5.87 -10.97
C PHE A 448 -8.45 -6.19 -12.36
N GLY A 449 -7.74 -6.98 -13.15
CA GLY A 449 -8.22 -7.40 -14.46
C GLY A 449 -8.37 -6.40 -15.59
N LEU A 450 -7.70 -5.26 -15.52
CA LEU A 450 -7.79 -4.27 -16.59
C LEU A 450 -7.42 -4.87 -17.97
N PRO A 451 -6.52 -5.86 -18.00
CA PRO A 451 -6.15 -6.46 -19.30
C PRO A 451 -7.30 -7.13 -20.04
N LEU A 452 -8.35 -7.54 -19.32
CA LEU A 452 -9.50 -8.18 -19.96
C LEU A 452 -10.30 -7.17 -20.78
N VAL A 453 -10.01 -5.90 -20.61
CA VAL A 453 -10.70 -4.84 -21.34
C VAL A 453 -9.95 -4.59 -22.65
N LYS A 454 -10.56 -5.02 -23.75
CA LYS A 454 -9.97 -4.90 -25.08
C LYS A 454 -9.48 -3.50 -25.46
N GLU A 455 -10.29 -2.48 -25.21
CA GLU A 455 -9.92 -1.12 -25.55
C GLU A 455 -8.67 -0.61 -24.80
N LEU A 456 -8.27 -1.31 -23.75
CA LEU A 456 -7.09 -0.91 -23.00
C LEU A 456 -5.81 -1.33 -23.72
N ASN A 457 -5.96 -2.18 -24.72
CA ASN A 457 -4.87 -2.65 -25.56
C ASN A 457 -3.72 -3.40 -24.91
N TYR A 458 -4.02 -4.47 -24.19
CA TYR A 458 -2.99 -5.29 -23.60
C TYR A 458 -2.88 -6.47 -24.58
N THR A 459 -1.81 -7.25 -24.51
CA THR A 459 -1.69 -8.38 -25.41
C THR A 459 -2.58 -9.49 -24.88
N ALA A 460 -2.77 -10.53 -25.69
CA ALA A 460 -3.61 -11.65 -25.28
C ALA A 460 -2.94 -12.39 -24.14
N GLU A 461 -1.61 -12.43 -24.19
CA GLU A 461 -0.83 -13.09 -23.16
C GLU A 461 -1.04 -12.35 -21.83
N GLU A 462 -1.11 -11.02 -21.89
CA GLU A 462 -1.30 -10.22 -20.70
C GLU A 462 -2.71 -10.42 -20.13
N GLU A 463 -3.67 -10.73 -20.98
CA GLU A 463 -5.03 -10.99 -20.49
C GLU A 463 -5.01 -12.34 -19.78
N ALA A 464 -4.26 -13.28 -20.32
CA ALA A 464 -4.16 -14.60 -19.72
C ALA A 464 -3.51 -14.50 -18.33
N LEU A 465 -2.47 -13.67 -18.21
CA LEU A 465 -1.77 -13.47 -16.94
C LEU A 465 -2.71 -12.86 -15.91
N SER A 466 -3.42 -11.82 -16.32
CA SER A 466 -4.37 -11.15 -15.44
C SER A 466 -5.40 -12.14 -14.89
N ARG A 467 -5.95 -12.99 -15.77
CA ARG A 467 -6.93 -13.98 -15.33
C ARG A 467 -6.31 -14.98 -14.37
N ARG A 468 -5.06 -15.34 -14.63
CA ARG A 468 -4.37 -16.31 -13.78
C ARG A 468 -4.07 -15.70 -12.40
N ILE A 469 -3.73 -14.41 -12.38
CA ILE A 469 -3.45 -13.74 -11.12
C ILE A 469 -4.74 -13.52 -10.33
N MET A 470 -5.78 -13.06 -11.00
CA MET A 470 -7.06 -12.85 -10.35
C MET A 470 -7.57 -14.14 -9.72
N HIS A 471 -7.32 -15.26 -10.40
CA HIS A 471 -7.79 -16.53 -9.87
C HIS A 471 -6.94 -16.98 -8.70
N TYR A 472 -5.64 -16.65 -8.72
CA TYR A 472 -4.76 -17.01 -7.59
C TYR A 472 -5.25 -16.25 -6.36
N TRP A 473 -5.40 -14.94 -6.51
CA TRP A 473 -5.85 -14.08 -5.41
C TRP A 473 -7.21 -14.51 -4.85
N ALA A 474 -8.19 -14.67 -5.73
CA ALA A 474 -9.54 -15.05 -5.31
C ALA A 474 -9.60 -16.44 -4.72
N THR A 475 -8.87 -17.37 -5.31
CA THR A 475 -8.86 -18.74 -4.80
C THR A 475 -8.18 -18.78 -3.43
N PHE A 476 -7.15 -17.97 -3.26
CA PHE A 476 -6.44 -17.91 -1.99
C PHE A 476 -7.39 -17.32 -0.94
N ALA A 477 -8.02 -16.20 -1.29
CA ALA A 477 -8.94 -15.54 -0.38
C ALA A 477 -10.03 -16.48 0.10
N LYS A 478 -10.44 -17.37 -0.79
CA LYS A 478 -11.50 -18.33 -0.49
C LYS A 478 -11.07 -19.55 0.31
N THR A 479 -9.91 -20.09 0.00
CA THR A 479 -9.44 -21.31 0.67
C THR A 479 -8.14 -21.18 1.44
N GLY A 480 -7.39 -20.11 1.22
CA GLY A 480 -6.12 -19.95 1.91
C GLY A 480 -5.03 -20.64 1.12
N ASN A 481 -5.34 -20.97 -0.13
CA ASN A 481 -4.41 -21.64 -1.04
C ASN A 481 -4.70 -21.10 -2.43
N PRO A 482 -3.70 -20.51 -3.10
CA PRO A 482 -3.92 -19.97 -4.45
C PRO A 482 -4.23 -21.03 -5.49
N ASN A 483 -3.78 -22.26 -5.22
CA ASN A 483 -3.97 -23.38 -6.13
C ASN A 483 -5.36 -23.99 -6.13
N GLU A 484 -5.82 -24.34 -7.33
CA GLU A 484 -7.12 -24.95 -7.54
C GLU A 484 -7.00 -26.42 -7.11
N PRO A 485 -7.81 -26.84 -6.12
CA PRO A 485 -7.75 -28.23 -5.67
C PRO A 485 -8.01 -29.20 -6.84
N HIS A 486 -7.13 -30.17 -7.01
CA HIS A 486 -7.24 -31.16 -8.08
C HIS A 486 -7.16 -30.42 -9.41
N SER A 487 -6.15 -29.57 -9.56
CA SER A 487 -5.99 -28.79 -10.78
C SER A 487 -5.01 -29.39 -11.79
N GLN A 488 -5.01 -28.83 -12.99
CA GLN A 488 -4.13 -29.28 -14.06
C GLN A 488 -2.88 -28.41 -14.18
N GLU A 489 -3.06 -27.10 -14.06
CA GLU A 489 -1.95 -26.16 -14.16
C GLU A 489 -0.89 -26.40 -13.10
N SER A 490 0.26 -25.75 -13.28
CA SER A 490 1.38 -25.87 -12.35
C SER A 490 0.99 -25.36 -10.97
N LYS A 491 1.59 -25.96 -9.94
CA LYS A 491 1.29 -25.59 -8.57
C LYS A 491 2.27 -24.60 -7.95
N TRP A 492 1.69 -23.57 -7.33
CA TRP A 492 2.44 -22.53 -6.63
C TRP A 492 2.73 -23.19 -5.30
N PRO A 493 3.99 -23.56 -5.03
CA PRO A 493 4.32 -24.21 -3.76
C PRO A 493 4.33 -23.28 -2.56
N LEU A 494 4.12 -23.86 -1.38
CA LEU A 494 4.14 -23.12 -0.13
C LEU A 494 5.56 -22.64 0.11
N PHE A 495 5.67 -21.52 0.82
CA PHE A 495 6.98 -21.00 1.17
C PHE A 495 7.26 -21.57 2.55
N THR A 496 8.38 -22.25 2.69
CA THR A 496 8.73 -22.82 3.99
C THR A 496 10.04 -22.23 4.47
N THR A 497 10.24 -22.31 5.78
CA THR A 497 11.45 -21.80 6.40
C THR A 497 12.69 -22.45 5.78
N LYS A 498 12.58 -23.74 5.48
CA LYS A 498 13.70 -24.47 4.92
C LYS A 498 13.92 -24.31 3.42
N GLU A 499 12.89 -24.54 2.62
CA GLU A 499 12.99 -24.45 1.16
C GLU A 499 12.91 -23.03 0.62
N GLN A 500 12.10 -22.18 1.26
CA GLN A 500 11.95 -20.78 0.85
C GLN A 500 11.65 -20.61 -0.65
N LYS A 501 10.71 -21.40 -1.15
CA LYS A 501 10.33 -21.35 -2.56
C LYS A 501 9.36 -20.23 -2.92
N PHE A 502 9.51 -19.70 -4.13
CA PHE A 502 8.61 -18.67 -4.62
C PHE A 502 8.47 -18.85 -6.12
N ILE A 503 7.57 -18.11 -6.74
CA ILE A 503 7.38 -18.22 -8.18
C ILE A 503 7.47 -16.86 -8.87
N ASP A 504 7.76 -16.89 -10.16
CA ASP A 504 7.80 -15.68 -10.96
C ASP A 504 6.37 -15.53 -11.49
N LEU A 505 5.89 -14.30 -11.57
CA LEU A 505 4.57 -14.04 -12.13
C LEU A 505 4.77 -13.24 -13.39
N ASN A 506 4.69 -13.90 -14.53
CA ASN A 506 4.85 -13.22 -15.81
C ASN A 506 4.15 -14.01 -16.91
N THR A 507 4.25 -13.54 -18.13
CA THR A 507 3.59 -14.20 -19.25
C THR A 507 4.18 -15.53 -19.69
N GLU A 508 5.26 -15.97 -19.06
CA GLU A 508 5.89 -17.24 -19.40
C GLU A 508 5.35 -18.33 -18.48
N PRO A 509 5.64 -19.61 -18.80
CA PRO A 509 5.17 -20.71 -17.96
C PRO A 509 5.81 -20.67 -16.58
N MET A 510 4.97 -20.68 -15.55
CA MET A 510 5.42 -20.63 -14.17
C MET A 510 6.72 -21.38 -13.90
N LYS A 511 7.60 -20.74 -13.14
CA LYS A 511 8.89 -21.31 -12.74
C LYS A 511 9.03 -21.12 -11.24
N VAL A 512 9.65 -22.10 -10.58
CA VAL A 512 9.85 -22.01 -9.14
C VAL A 512 11.31 -21.71 -8.83
N HIS A 513 11.53 -20.88 -7.82
CA HIS A 513 12.88 -20.52 -7.40
C HIS A 513 12.99 -20.62 -5.89
N GLN A 514 14.17 -20.31 -5.37
CA GLN A 514 14.41 -20.36 -3.94
C GLN A 514 15.28 -19.20 -3.48
N ARG A 515 15.04 -18.77 -2.24
N ARG A 515 15.06 -18.76 -2.24
CA ARG A 515 15.78 -17.69 -1.60
CA ARG A 515 15.87 -17.69 -1.66
C ARG A 515 15.84 -16.40 -2.42
C ARG A 515 15.85 -16.39 -2.46
N LEU A 516 14.71 -15.72 -2.51
CA LEU A 516 14.57 -14.47 -3.24
C LEU A 516 15.55 -13.39 -2.76
N ARG A 517 16.36 -12.85 -3.68
N ARG A 517 16.36 -12.87 -3.68
CA ARG A 517 17.35 -11.81 -3.37
CA ARG A 517 17.33 -11.82 -3.37
C ARG A 517 18.13 -12.07 -2.09
C ARG A 517 18.10 -12.08 -2.09
N VAL A 518 18.38 -13.35 -1.80
CA VAL A 518 19.10 -13.71 -0.60
C VAL A 518 20.47 -13.06 -0.39
N GLN A 519 21.30 -13.02 -1.43
CA GLN A 519 22.62 -12.43 -1.28
C GLN A 519 22.55 -10.96 -0.82
N MET A 520 21.75 -10.15 -1.51
CA MET A 520 21.60 -8.75 -1.15
C MET A 520 20.86 -8.55 0.18
N CYS A 521 19.85 -9.37 0.44
CA CYS A 521 19.11 -9.20 1.67
C CYS A 521 19.87 -9.60 2.93
N VAL A 522 20.85 -10.48 2.80
CA VAL A 522 21.67 -10.82 3.97
C VAL A 522 22.44 -9.53 4.27
N PHE A 523 22.84 -8.81 3.22
CA PHE A 523 23.56 -7.55 3.40
C PHE A 523 22.69 -6.52 4.11
N TRP A 524 21.50 -6.25 3.59
CA TRP A 524 20.61 -5.26 4.20
C TRP A 524 20.02 -5.66 5.54
N ASN A 525 19.69 -6.93 5.71
CA ASN A 525 19.05 -7.39 6.94
C ASN A 525 19.95 -7.83 8.09
N GLN A 526 21.18 -8.23 7.78
N GLN A 526 21.18 -8.26 7.78
CA GLN A 526 22.09 -8.69 8.82
CA GLN A 526 22.09 -8.71 8.82
C GLN A 526 23.38 -7.89 8.93
C GLN A 526 23.38 -7.89 8.92
N PHE A 527 24.15 -7.81 7.84
CA PHE A 527 25.41 -7.08 7.86
C PHE A 527 25.37 -5.56 8.05
N LEU A 528 24.71 -4.85 7.15
CA LEU A 528 24.67 -3.39 7.27
C LEU A 528 24.17 -2.94 8.64
N PRO A 529 23.11 -3.55 9.16
CA PRO A 529 22.63 -3.13 10.48
C PRO A 529 23.69 -3.29 11.56
N LYS A 530 24.44 -4.39 11.51
CA LYS A 530 25.51 -4.64 12.47
C LYS A 530 26.56 -3.56 12.35
N LEU A 531 26.95 -3.28 11.11
CA LEU A 531 27.96 -2.27 10.85
C LEU A 531 27.54 -0.90 11.40
N LEU A 532 26.34 -0.46 11.06
CA LEU A 532 25.86 0.84 11.52
C LEU A 532 25.75 0.91 13.05
N ASN A 533 25.42 -0.21 13.68
CA ASN A 533 25.29 -0.25 15.14
C ASN A 533 26.66 -0.27 15.82
N ALA A 534 27.64 -0.92 15.20
CA ALA A 534 28.97 -1.01 15.77
C ALA A 534 29.75 0.28 15.55
N THR A 535 29.31 1.09 14.60
CA THR A 535 30.00 2.35 14.30
C THR A 535 29.13 3.55 14.65
N ALA A 536 28.62 3.60 15.79
SD ETM B . 0.51 3.26 -5.40
C1 ETM B . 1.34 4.69 -6.13
C2 ETM B . 1.99 4.39 -7.48
N1 ETM B . 3.12 5.27 -7.79
C3 ETM B . 4.23 5.05 -6.85
C4 ETM B . 3.59 4.97 -9.14
C5 ETM B . 2.72 6.68 -7.75
N1 AT3 C . 8.10 15.99 -3.74
C2 AT3 C . 6.96 15.11 -4.01
C3 AT3 C . 7.07 13.76 -3.30
C5 AT3 C . 7.11 11.29 -4.61
O7 AT3 C . 5.84 11.58 -5.20
C6 AT3 C . 7.55 9.84 -4.44
C8 AT3 C . 7.82 17.30 -4.34
C9 AT3 C . 8.30 16.19 -2.30
C10 AT3 C . 9.34 15.46 -4.35
S24 AT3 C . 8.18 12.59 -4.13
C1 NAG D . -2.54 -24.94 9.45
C2 NAG D . -1.48 -26.02 9.14
C3 NAG D . -2.11 -27.41 9.15
C4 NAG D . -2.83 -27.63 10.49
C5 NAG D . -3.86 -26.53 10.70
C6 NAG D . -4.55 -26.68 12.06
C7 NAG D . 0.29 -25.09 7.79
C8 NAG D . 0.82 -24.77 6.41
N2 NAG D . -0.86 -25.76 7.86
O3 NAG D . -1.10 -28.39 8.96
O4 NAG D . -3.47 -28.90 10.49
O5 NAG D . -3.20 -25.22 10.69
O6 NAG D . -5.29 -25.52 12.42
O7 NAG D . 0.92 -24.74 8.80
C1 NAG E . -28.55 9.74 -6.64
C2 NAG E . -27.91 9.65 -8.04
C3 NAG E . -28.91 10.09 -9.12
C4 NAG E . -30.24 9.36 -8.97
C5 NAG E . -30.75 9.50 -7.54
C6 NAG E . -32.05 8.75 -7.28
C7 NAG E . -26.82 11.76 -8.51
C8 NAG E . -27.28 12.78 -7.48
N2 NAG E . -26.73 10.49 -8.11
O3 NAG E . -28.37 9.83 -10.41
O4 NAG E . -31.19 9.90 -9.88
O5 NAG E . -29.77 9.00 -6.60
O6 NAG E . -32.68 9.21 -6.11
O7 NAG E . -26.56 12.12 -9.66
C1 PGE F . 6.39 5.72 24.19
O1 PGE F . 7.82 5.85 24.15
C2 PGE F . 5.97 4.25 24.18
O2 PGE F . 6.42 3.56 23.00
C3 PGE F . 5.98 2.19 23.12
C4 PGE F . 6.42 1.38 21.89
O4 PGE F . 10.51 1.89 21.67
C6 PGE F . 10.09 0.54 21.89
C5 PGE F . 8.69 0.56 22.50
O3 PGE F . 7.84 1.23 21.54
C1 PGE G . 17.20 -3.79 -13.59
O1 PGE G . 18.14 -3.29 -12.63
C2 PGE G . 16.56 -2.66 -14.44
O2 PGE G . 15.67 -3.38 -15.33
C3 PGE G . 14.84 -2.67 -16.31
C4 PGE G . 15.47 -1.82 -17.42
O4 PGE G . 15.13 -6.07 -19.31
C6 PGE G . 15.48 -5.01 -18.40
C5 PGE G . 15.98 -3.75 -19.19
O3 PGE G . 16.39 -2.56 -18.34
C1 PGE H . -26.09 -11.13 13.54
O1 PGE H . -26.48 -9.97 12.89
C2 PGE H . -25.76 -10.92 15.06
O2 PGE H . -24.69 -9.99 15.25
C3 PGE H . -24.39 -9.81 16.64
C4 PGE H . -23.23 -8.79 16.80
O4 PGE H . -23.32 -5.31 14.42
C6 PGE H . -23.01 -5.18 15.78
C5 PGE H . -22.57 -6.56 16.38
O3 PGE H . -23.62 -7.51 16.26
C1 PGE I . -33.17 -1.52 11.68
O1 PGE I . -33.89 -1.49 10.43
C2 PGE I . -31.81 -0.80 11.58
O2 PGE I . -32.00 0.59 11.20
C3 PGE I . -30.77 1.30 11.09
C4 PGE I . -31.05 2.74 10.69
O4 PGE I . -32.35 5.76 13.31
C6 PGE I . -32.93 5.65 12.04
C5 PGE I . -32.07 4.78 11.13
O3 PGE I . -31.87 3.43 11.64
CL CL J . 0.86 3.32 -18.03
CL CL K . 16.38 -12.63 4.16
CL CL L . -16.23 -2.10 -19.35
CL CL M . 8.06 4.63 -23.55
CL CL N . -30.87 -4.67 11.42
CL CL O . -35.68 -7.19 8.60
CL CL P . 16.69 21.28 5.03
#